data_4IGD
#
_entry.id   4IGD
#
_cell.length_a   63.310
_cell.length_b   69.610
_cell.length_c   117.680
_cell.angle_alpha   90.00
_cell.angle_beta   90.00
_cell.angle_gamma   90.00
#
_symmetry.space_group_name_H-M   'P 21 21 21'
#
loop_
_entity.id
_entity.type
_entity.pdbx_description
1 polymer 'Mannan-binding lectin serine protease 1'
2 non-polymer GLYCEROL
3 water water
#
_entity_poly.entity_id   1
_entity_poly.type   'polypeptide(L)'
_entity_poly.pdbx_seq_one_letter_code
;ASMTGNECPELQPPVHGKIEPSQAKYFFKDQVLVSCDTGYKVLKDNVEMDTFQIECLKDGTWSNKIPTCKIVDCRAPGEL
EHGLITFSTRNNLTTYKSEIKYSCQEPYYKMLNNNTGIYTCSAQGVWMNKVLGRSLPTCLPVCGLPKFSRKLMAQIFNGR
PAQKGTTPWIAMLSHLNGQPFCGGSLLGSSWIVTAAHCLHQSLDPEDPTLRDSDLLSPSDFKIILGKHWRLRSDENEQHL
GVKHTTLHPQYDPNTFENDVALVELLESPVLNAFVMPICLPEGPQQEGAMVIVSGWGKQFLQRFPETLMEIEIPIVDHST
CQKAYAPLKKKVTRDMICAGEKEGGKDACAGDSGGPMVTLNRERGQWYLVGTVSWGDDCGKKDRYGVYSYIHHNKDWIQR
VTGVRN
;
_entity_poly.pdbx_strand_id   A
#
# COMPACT_ATOMS: atom_id res chain seq x y z
N GLY A 5 -67.89 24.10 16.89
CA GLY A 5 -66.93 24.35 15.83
C GLY A 5 -67.58 24.90 14.58
N ASN A 6 -67.30 24.26 13.44
CA ASN A 6 -66.44 23.09 13.41
C ASN A 6 -65.51 23.05 12.19
N GLU A 7 -65.14 24.24 11.70
CA GLU A 7 -64.21 24.34 10.58
C GLU A 7 -62.87 24.91 11.02
N CYS A 8 -61.78 24.36 10.48
CA CYS A 8 -60.45 24.83 10.80
C CYS A 8 -59.93 25.79 9.74
N PRO A 9 -59.04 26.72 10.14
CA PRO A 9 -58.51 27.77 9.25
C PRO A 9 -57.81 27.19 8.03
N GLU A 10 -57.63 28.02 7.00
CA GLU A 10 -56.89 27.62 5.82
C GLU A 10 -55.43 27.33 6.21
N LEU A 11 -54.86 26.27 5.66
CA LEU A 11 -53.50 25.88 6.01
C LEU A 11 -52.46 26.38 5.02
N GLN A 12 -51.28 26.72 5.56
CA GLN A 12 -50.17 27.18 4.74
C GLN A 12 -49.13 26.07 4.57
N PRO A 13 -48.94 25.62 3.32
CA PRO A 13 -47.87 24.65 3.06
C PRO A 13 -46.52 25.29 3.36
N PRO A 14 -45.64 24.56 4.07
CA PRO A 14 -44.34 25.11 4.43
C PRO A 14 -43.50 25.35 3.20
N VAL A 15 -42.42 26.12 3.32
CA VAL A 15 -41.50 26.33 2.22
C VAL A 15 -40.77 25.03 1.94
N HIS A 16 -40.69 24.65 0.67
CA HIS A 16 -40.08 23.37 0.28
C HIS A 16 -40.89 22.20 0.79
N GLY A 17 -42.20 22.39 0.89
CA GLY A 17 -43.08 21.34 1.40
C GLY A 17 -44.47 21.40 0.79
N LYS A 18 -45.37 20.58 1.32
CA LYS A 18 -46.73 20.51 0.81
C LYS A 18 -47.67 19.90 1.84
N ILE A 19 -48.97 19.91 1.51
CA ILE A 19 -49.99 19.37 2.40
C ILE A 19 -50.97 18.48 1.65
N GLU A 20 -51.40 17.40 2.29
CA GLU A 20 -52.34 16.47 1.69
C GLU A 20 -53.31 15.93 2.74
N PRO A 21 -54.58 15.73 2.36
CA PRO A 21 -55.09 16.04 1.03
C PRO A 21 -55.31 17.54 0.88
N SER A 22 -55.22 18.04 -0.35
CA SER A 22 -55.44 19.47 -0.59
C SER A 22 -56.92 19.75 -0.78
N GLN A 23 -57.56 20.22 0.30
CA GLN A 23 -58.99 20.52 0.27
C GLN A 23 -59.22 22.02 0.32
N ALA A 24 -60.31 22.47 -0.30
CA ALA A 24 -60.66 23.90 -0.30
C ALA A 24 -61.05 24.35 1.11
N LYS A 25 -61.79 23.49 1.82
CA LYS A 25 -62.18 23.78 3.20
C LYS A 25 -62.03 22.52 4.05
N TYR A 26 -61.55 22.70 5.28
CA TYR A 26 -61.36 21.58 6.19
C TYR A 26 -62.36 21.64 7.34
N PHE A 27 -62.91 20.48 7.69
CA PHE A 27 -63.91 20.40 8.76
C PHE A 27 -63.55 19.36 9.80
N PHE A 28 -64.22 19.42 10.94
CA PHE A 28 -63.92 18.57 12.10
C PHE A 28 -63.57 17.12 11.73
N LYS A 29 -62.51 16.61 12.34
CA LYS A 29 -62.06 15.23 12.16
C LYS A 29 -61.29 14.99 10.87
N ASP A 30 -61.09 16.05 10.09
CA ASP A 30 -60.24 15.98 8.90
C ASP A 30 -58.78 15.87 9.31
N GLN A 31 -57.99 15.16 8.52
CA GLN A 31 -56.58 14.96 8.82
C GLN A 31 -55.71 15.30 7.62
N VAL A 32 -54.54 15.87 7.89
CA VAL A 32 -53.60 16.20 6.82
C VAL A 32 -52.17 15.79 7.18
N LEU A 33 -51.43 15.37 6.17
CA LEU A 33 -50.01 15.08 6.33
C LEU A 33 -49.19 16.22 5.74
N VAL A 34 -48.28 16.75 6.53
CA VAL A 34 -47.34 17.74 6.04
C VAL A 34 -46.05 17.03 5.65
N SER A 35 -45.60 17.25 4.42
CA SER A 35 -44.37 16.65 3.93
C SER A 35 -43.50 17.70 3.24
N CYS A 36 -42.33 17.28 2.77
CA CYS A 36 -41.39 18.20 2.16
C CYS A 36 -40.89 17.73 0.80
N ASP A 37 -40.32 18.64 0.03
CA ASP A 37 -39.81 18.32 -1.30
C ASP A 37 -38.61 17.39 -1.22
N THR A 38 -38.14 16.96 -2.39
CA THR A 38 -36.95 16.13 -2.47
C THR A 38 -35.77 16.89 -1.87
N GLY A 39 -35.03 16.23 -0.99
CA GLY A 39 -33.86 16.83 -0.36
C GLY A 39 -34.16 17.54 0.94
N TYR A 40 -35.44 17.58 1.32
CA TYR A 40 -35.87 18.20 2.56
C TYR A 40 -36.66 17.21 3.41
N LYS A 41 -36.70 17.43 4.71
CA LYS A 41 -37.49 16.60 5.62
C LYS A 41 -38.27 17.47 6.59
N VAL A 42 -39.31 16.89 7.19
CA VAL A 42 -40.08 17.61 8.19
C VAL A 42 -39.28 17.76 9.49
N LEU A 43 -39.31 18.97 10.05
CA LEU A 43 -38.61 19.23 11.30
C LEU A 43 -39.58 19.58 12.42
N LYS A 44 -39.78 18.62 13.34
CA LYS A 44 -40.62 18.86 14.50
C LYS A 44 -39.81 18.68 15.79
N ASP A 45 -39.50 19.81 16.43
CA ASP A 45 -38.74 19.80 17.68
C ASP A 45 -37.43 19.02 17.54
N ASN A 46 -36.69 19.33 16.48
CA ASN A 46 -35.39 18.71 16.20
C ASN A 46 -35.45 17.21 15.90
N VAL A 47 -36.63 16.73 15.53
CA VAL A 47 -36.79 15.35 15.08
C VAL A 47 -37.16 15.36 13.60
N GLU A 48 -36.38 14.65 12.79
CA GLU A 48 -36.65 14.57 11.36
C GLU A 48 -37.68 13.50 11.06
N MET A 49 -38.60 13.80 10.15
CA MET A 49 -39.64 12.86 9.76
C MET A 49 -40.13 13.06 8.33
N ASP A 50 -40.58 11.98 7.72
CA ASP A 50 -41.11 12.04 6.35
C ASP A 50 -42.40 12.86 6.28
N THR A 51 -43.28 12.64 7.25
CA THR A 51 -44.56 13.34 7.30
C THR A 51 -44.96 13.66 8.74
N PHE A 52 -45.75 14.72 8.91
CA PHE A 52 -46.33 15.05 10.20
C PHE A 52 -47.84 15.24 10.04
N GLN A 53 -48.60 14.70 10.99
CA GLN A 53 -50.06 14.69 10.86
C GLN A 53 -50.78 15.70 11.76
N ILE A 54 -51.66 16.47 11.15
CA ILE A 54 -52.51 17.43 11.86
C ILE A 54 -53.96 17.05 11.64
N GLU A 55 -54.83 17.38 12.59
CA GLU A 55 -56.25 17.13 12.42
C GLU A 55 -57.11 18.31 12.86
N CYS A 56 -58.29 18.42 12.27
CA CYS A 56 -59.22 19.48 12.62
C CYS A 56 -60.04 19.09 13.85
N LEU A 57 -59.92 19.88 14.91
CA LEU A 57 -60.58 19.58 16.18
C LEU A 57 -62.02 20.09 16.19
N LYS A 58 -62.79 19.60 17.16
CA LYS A 58 -64.21 19.96 17.27
C LYS A 58 -64.42 21.46 17.40
N ASP A 59 -63.51 22.12 18.12
CA ASP A 59 -63.63 23.55 18.38
C ASP A 59 -63.23 24.42 17.19
N GLY A 60 -62.73 23.77 16.13
CA GLY A 60 -62.38 24.49 14.91
C GLY A 60 -60.91 24.89 14.83
N THR A 61 -60.08 24.30 15.68
CA THR A 61 -58.64 24.56 15.63
C THR A 61 -57.90 23.29 15.25
N TRP A 62 -56.74 23.46 14.61
CA TRP A 62 -55.91 22.32 14.25
C TRP A 62 -55.17 21.79 15.46
N SER A 63 -54.91 20.49 15.46
CA SER A 63 -54.26 19.82 16.59
C SER A 63 -52.85 20.37 16.85
N ASN A 64 -52.18 20.81 15.79
CA ASN A 64 -50.85 21.40 15.92
C ASN A 64 -50.57 22.45 14.85
N LYS A 65 -49.45 23.13 14.96
CA LYS A 65 -49.05 24.13 13.97
C LYS A 65 -48.22 23.49 12.86
N ILE A 66 -48.23 24.11 11.69
CA ILE A 66 -47.48 23.61 10.55
C ILE A 66 -45.98 23.63 10.83
N PRO A 67 -45.35 22.45 10.79
CA PRO A 67 -43.89 22.37 11.00
C PRO A 67 -43.15 22.96 9.80
N THR A 68 -41.83 22.86 9.81
CA THR A 68 -41.01 23.41 8.75
C THR A 68 -40.24 22.31 8.02
N CYS A 69 -39.67 22.67 6.87
CA CYS A 69 -38.89 21.74 6.08
C CYS A 69 -37.42 22.09 6.13
N LYS A 70 -36.63 21.22 6.75
CA LYS A 70 -35.19 21.43 6.86
C LYS A 70 -34.43 20.64 5.79
N ILE A 71 -33.44 21.28 5.17
CA ILE A 71 -32.65 20.63 4.14
C ILE A 71 -31.93 19.41 4.71
N VAL A 72 -31.80 18.37 3.90
CA VAL A 72 -31.17 17.13 4.33
C VAL A 72 -29.68 17.34 4.62
N ASP A 73 -29.17 16.65 5.64
CA ASP A 73 -27.77 16.79 6.04
C ASP A 73 -27.01 15.48 5.87
N CYS A 74 -26.15 15.43 4.86
CA CYS A 74 -25.31 14.24 4.61
C CYS A 74 -24.30 14.06 5.73
N ARG A 75 -24.25 15.03 6.63
CA ARG A 75 -23.38 14.93 7.80
C ARG A 75 -21.91 14.92 7.40
N ALA A 76 -21.09 14.28 8.22
CA ALA A 76 -19.64 14.24 8.02
C ALA A 76 -19.22 13.18 7.00
N PRO A 77 -18.47 13.61 5.98
CA PRO A 77 -17.98 12.71 4.93
C PRO A 77 -17.08 11.61 5.49
N GLY A 78 -16.99 10.50 4.76
CA GLY A 78 -16.14 9.39 5.15
C GLY A 78 -14.67 9.77 5.10
N GLU A 79 -13.89 9.25 6.03
CA GLU A 79 -12.46 9.56 6.09
C GLU A 79 -11.69 8.82 5.01
N LEU A 80 -10.86 9.54 4.27
CA LEU A 80 -10.02 8.92 3.25
C LEU A 80 -8.62 8.72 3.79
N GLU A 81 -8.27 7.47 4.06
CA GLU A 81 -6.94 7.15 4.56
C GLU A 81 -5.91 7.60 3.54
N HIS A 82 -4.95 8.40 4.00
CA HIS A 82 -3.92 8.96 3.14
C HIS A 82 -4.49 10.03 2.20
N GLY A 83 -5.68 10.53 2.52
CA GLY A 83 -6.34 11.51 1.68
C GLY A 83 -6.80 12.75 2.44
N LEU A 84 -7.44 13.67 1.72
CA LEU A 84 -7.87 14.93 2.29
C LEU A 84 -9.25 15.33 1.80
N ILE A 85 -10.00 16.03 2.65
CA ILE A 85 -11.33 16.50 2.29
C ILE A 85 -11.32 18.01 2.12
N THR A 86 -11.74 18.47 0.94
CA THR A 86 -11.78 19.89 0.66
C THR A 86 -13.19 20.34 0.27
N PHE A 87 -13.85 21.03 1.19
CA PHE A 87 -15.21 21.52 0.96
C PHE A 87 -15.22 22.57 -0.15
N SER A 88 -16.39 22.75 -0.77
CA SER A 88 -16.52 23.68 -1.88
C SER A 88 -17.00 25.05 -1.42
N THR A 89 -16.80 25.35 -0.14
CA THR A 89 -17.16 26.65 0.41
C THR A 89 -16.52 26.85 1.78
N ARG A 90 -16.31 28.11 2.16
CA ARG A 90 -15.62 28.42 3.41
C ARG A 90 -16.44 28.03 4.65
N ASN A 91 -17.68 27.63 4.44
CA ASN A 91 -18.56 27.25 5.55
C ASN A 91 -18.66 25.73 5.76
N ASN A 92 -18.03 24.98 4.88
CA ASN A 92 -18.06 23.52 4.95
C ASN A 92 -19.49 22.97 5.04
N LEU A 93 -20.24 23.15 3.96
CA LEU A 93 -21.62 22.70 3.93
C LEU A 93 -21.72 21.20 3.71
N THR A 94 -22.44 20.52 4.60
CA THR A 94 -22.63 19.08 4.49
C THR A 94 -24.07 18.75 4.15
N THR A 95 -24.79 19.73 3.63
CA THR A 95 -26.21 19.57 3.32
C THR A 95 -26.49 19.30 1.85
N TYR A 96 -27.72 18.89 1.57
CA TYR A 96 -28.17 18.54 0.22
C TYR A 96 -27.61 19.45 -0.88
N LYS A 97 -27.13 18.82 -1.95
CA LYS A 97 -26.61 19.54 -3.13
C LYS A 97 -25.19 20.09 -2.99
N SER A 98 -24.72 20.25 -1.75
CA SER A 98 -23.35 20.70 -1.52
C SER A 98 -22.34 19.64 -1.95
N GLU A 99 -21.11 20.06 -2.21
CA GLU A 99 -20.10 19.15 -2.71
C GLU A 99 -18.80 19.23 -1.92
N ILE A 100 -18.01 18.16 -2.02
CA ILE A 100 -16.67 18.13 -1.44
C ILE A 100 -15.74 17.45 -2.43
N LYS A 101 -14.45 17.50 -2.15
CA LYS A 101 -13.47 16.91 -3.06
C LYS A 101 -12.39 16.15 -2.30
N TYR A 102 -12.19 14.90 -2.69
CA TYR A 102 -11.15 14.07 -2.12
C TYR A 102 -9.87 14.21 -2.92
N SER A 103 -8.75 14.37 -2.22
CA SER A 103 -7.45 14.40 -2.84
C SER A 103 -6.51 13.53 -2.01
N CYS A 104 -5.70 12.73 -2.68
CA CYS A 104 -4.72 11.90 -2.00
C CYS A 104 -3.51 12.73 -1.58
N GLN A 105 -2.83 12.30 -0.53
CA GLN A 105 -1.67 13.01 -0.01
C GLN A 105 -0.47 12.93 -0.94
N GLU A 106 -0.34 13.93 -1.81
CA GLU A 106 0.80 14.03 -2.70
C GLU A 106 2.02 14.51 -1.92
N PRO A 107 3.21 14.09 -2.34
CA PRO A 107 3.42 13.21 -3.50
C PRO A 107 3.47 11.74 -3.14
N TYR A 108 3.29 11.41 -1.87
CA TYR A 108 3.49 10.05 -1.39
C TYR A 108 2.33 9.10 -1.68
N TYR A 109 1.21 9.67 -2.13
CA TYR A 109 0.05 8.87 -2.50
C TYR A 109 -0.64 9.44 -3.74
N LYS A 110 -1.24 8.57 -4.52
CA LYS A 110 -1.99 8.98 -5.71
C LYS A 110 -3.35 8.30 -5.72
N MET A 111 -4.35 8.96 -6.29
CA MET A 111 -5.69 8.41 -6.31
C MET A 111 -5.88 7.36 -7.40
N LEU A 112 -6.43 6.22 -7.00
CA LEU A 112 -6.65 5.11 -7.92
C LEU A 112 -7.66 5.48 -9.00
N ASN A 113 -7.35 5.08 -10.24
CA ASN A 113 -8.23 5.34 -11.39
C ASN A 113 -8.45 6.83 -11.62
N ASN A 114 -7.69 7.65 -10.91
CA ASN A 114 -7.80 9.11 -11.02
C ASN A 114 -9.24 9.59 -10.88
N ASN A 115 -10.01 8.91 -10.03
CA ASN A 115 -11.38 9.29 -9.75
C ASN A 115 -11.47 10.77 -9.39
N THR A 116 -12.51 11.45 -9.86
CA THR A 116 -12.65 12.88 -9.66
C THR A 116 -12.57 13.25 -8.17
N GLY A 117 -13.00 12.33 -7.32
CA GLY A 117 -12.98 12.55 -5.88
C GLY A 117 -14.05 13.53 -5.43
N ILE A 118 -14.93 13.90 -6.35
CA ILE A 118 -15.99 14.84 -6.04
C ILE A 118 -17.25 14.10 -5.56
N TYR A 119 -17.73 14.49 -4.38
CA TYR A 119 -18.92 13.87 -3.82
C TYR A 119 -20.00 14.91 -3.53
N THR A 120 -21.25 14.55 -3.83
CA THR A 120 -22.38 15.44 -3.63
C THR A 120 -23.32 14.86 -2.60
N CYS A 121 -23.87 15.73 -1.76
CA CYS A 121 -24.84 15.32 -0.76
C CYS A 121 -26.16 14.98 -1.43
N SER A 122 -26.49 13.69 -1.46
CA SER A 122 -27.71 13.23 -2.13
C SER A 122 -28.97 13.49 -1.30
N ALA A 123 -30.12 13.35 -1.94
CA ALA A 123 -31.40 13.59 -1.30
C ALA A 123 -31.66 12.62 -0.15
N GLN A 124 -30.99 11.47 -0.19
CA GLN A 124 -31.15 10.46 0.84
C GLN A 124 -30.09 10.59 1.93
N GLY A 125 -29.42 11.73 1.97
CA GLY A 125 -28.46 12.05 3.02
C GLY A 125 -27.14 11.31 2.92
N VAL A 126 -26.77 10.93 1.71
CA VAL A 126 -25.53 10.19 1.49
C VAL A 126 -24.62 10.89 0.48
N TRP A 127 -23.33 11.01 0.82
CA TRP A 127 -22.35 11.55 -0.11
C TRP A 127 -22.14 10.59 -1.27
N MET A 128 -22.37 11.08 -2.49
CA MET A 128 -22.33 10.23 -3.67
C MET A 128 -21.37 10.72 -4.74
N ASN A 129 -20.54 9.80 -5.25
CA ASN A 129 -19.64 10.10 -6.35
C ASN A 129 -20.20 9.53 -7.66
N LYS A 130 -20.01 10.27 -8.75
CA LYS A 130 -20.57 9.87 -10.04
C LYS A 130 -20.20 8.44 -10.42
N VAL A 131 -18.98 8.03 -10.10
CA VAL A 131 -18.49 6.71 -10.47
C VAL A 131 -18.64 5.69 -9.33
N LEU A 132 -17.94 5.93 -8.22
CA LEU A 132 -17.94 4.99 -7.11
C LEU A 132 -19.27 4.93 -6.38
N GLY A 133 -20.05 6.01 -6.48
CA GLY A 133 -21.30 6.11 -5.77
C GLY A 133 -21.10 6.43 -4.30
N ARG A 134 -21.41 5.47 -3.43
CA ARG A 134 -21.25 5.66 -1.99
C ARG A 134 -19.83 5.35 -1.53
N SER A 135 -19.18 4.43 -2.23
CA SER A 135 -17.84 3.98 -1.87
C SER A 135 -16.84 5.13 -1.95
N LEU A 136 -15.82 5.08 -1.11
CA LEU A 136 -14.77 6.11 -1.10
C LEU A 136 -13.67 5.81 -2.10
N PRO A 137 -12.90 6.84 -2.47
CA PRO A 137 -11.76 6.67 -3.37
C PRO A 137 -10.66 5.87 -2.69
N THR A 138 -9.64 5.48 -3.44
CA THR A 138 -8.53 4.72 -2.88
C THR A 138 -7.23 5.46 -3.13
N CYS A 139 -6.51 5.80 -2.06
CA CYS A 139 -5.20 6.44 -2.18
C CYS A 139 -4.08 5.41 -2.14
N LEU A 140 -3.37 5.27 -3.26
CA LEU A 140 -2.31 4.28 -3.38
C LEU A 140 -0.93 4.88 -3.13
N PRO A 141 -0.02 4.08 -2.54
CA PRO A 141 1.37 4.49 -2.29
C PRO A 141 2.13 4.65 -3.60
N VAL A 142 2.70 5.83 -3.81
CA VAL A 142 3.53 6.06 -5.00
C VAL A 142 4.88 5.36 -4.83
N CYS A 143 5.25 4.55 -5.82
CA CYS A 143 6.45 3.73 -5.70
C CYS A 143 7.59 4.19 -6.60
N GLY A 144 8.82 3.87 -6.19
CA GLY A 144 9.99 4.07 -7.00
C GLY A 144 10.36 5.51 -7.36
N LEU A 145 9.95 6.47 -6.54
CA LEU A 145 10.27 7.86 -6.80
C LEU A 145 11.07 8.51 -5.68
N PRO A 146 12.39 8.25 -5.63
CA PRO A 146 13.26 8.83 -4.62
C PRO A 146 13.25 10.36 -4.68
N LYS A 147 13.33 11.02 -3.53
CA LYS A 147 13.26 12.47 -3.48
C LYS A 147 14.65 13.09 -3.51
N PHE A 148 15.66 12.26 -3.27
CA PHE A 148 17.04 12.71 -3.30
C PHE A 148 17.74 12.17 -4.55
N SER A 149 18.67 12.96 -5.09
CA SER A 149 19.29 12.64 -6.37
C SER A 149 20.58 11.83 -6.24
N ARG A 150 21.00 11.20 -7.33
CA ARG A 150 22.23 10.43 -7.36
C ARG A 150 23.39 11.24 -7.94
N LYS A 151 24.45 11.39 -7.15
CA LYS A 151 25.65 12.10 -7.59
C LYS A 151 26.24 11.48 -8.85
N LEU A 152 25.93 10.21 -9.08
CA LEU A 152 26.40 9.44 -10.24
C LEU A 152 27.52 8.46 -9.84
N ASN A 158 32.45 -2.06 -9.77
CA ASN A 158 32.16 -0.80 -9.10
C ASN A 158 32.37 -0.86 -7.59
N GLY A 159 31.29 -0.73 -6.84
CA GLY A 159 31.35 -0.72 -5.39
C GLY A 159 31.48 0.70 -4.85
N ARG A 160 30.54 1.10 -3.99
CA ARG A 160 30.53 2.44 -3.43
C ARG A 160 29.44 2.59 -2.36
N PRO A 161 29.70 3.43 -1.35
CA PRO A 161 28.69 3.74 -0.33
C PRO A 161 27.48 4.43 -0.97
N ALA A 162 26.28 4.05 -0.57
CA ALA A 162 25.07 4.63 -1.14
C ALA A 162 24.80 6.00 -0.54
N GLN A 163 24.35 6.93 -1.37
CA GLN A 163 24.02 8.28 -0.89
C GLN A 163 22.74 8.24 -0.06
N LYS A 164 22.76 8.94 1.06
CA LYS A 164 21.62 8.96 1.97
C LYS A 164 20.35 9.41 1.25
N GLY A 165 19.28 8.65 1.38
CA GLY A 165 18.00 9.01 0.83
C GLY A 165 17.69 8.43 -0.54
N THR A 166 18.67 7.81 -1.19
CA THR A 166 18.49 7.32 -2.55
C THR A 166 18.01 5.88 -2.62
N THR A 167 17.78 5.27 -1.45
CA THR A 167 17.29 3.90 -1.39
C THR A 167 16.21 3.77 -0.32
N PRO A 168 15.11 4.51 -0.48
CA PRO A 168 14.08 4.63 0.55
C PRO A 168 13.21 3.39 0.70
N TRP A 169 13.45 2.37 -0.12
CA TRP A 169 12.62 1.16 -0.11
C TRP A 169 13.28 -0.02 0.59
N ILE A 170 14.58 0.06 0.83
CA ILE A 170 15.31 -1.06 1.41
C ILE A 170 14.98 -1.28 2.89
N ALA A 171 14.83 -2.55 3.27
CA ALA A 171 14.48 -2.90 4.63
C ALA A 171 15.57 -3.76 5.26
N MET A 172 15.83 -3.54 6.54
CA MET A 172 16.78 -4.37 7.28
C MET A 172 16.01 -5.34 8.16
N LEU A 173 16.21 -6.63 7.93
CA LEU A 173 15.63 -7.66 8.79
C LEU A 173 16.60 -7.95 9.92
N SER A 174 16.24 -7.50 11.11
CA SER A 174 17.13 -7.60 12.27
C SER A 174 16.53 -8.42 13.38
N HIS A 175 17.39 -8.87 14.30
CA HIS A 175 16.93 -9.46 15.54
C HIS A 175 16.29 -8.37 16.37
N LEU A 176 15.55 -8.75 17.40
CA LEU A 176 14.87 -7.78 18.25
C LEU A 176 15.82 -6.72 18.80
N ASN A 177 17.11 -7.04 18.84
CA ASN A 177 18.10 -6.10 19.35
C ASN A 177 18.61 -5.12 18.30
N GLY A 178 18.38 -5.42 17.03
CA GLY A 178 18.78 -4.55 15.94
C GLY A 178 19.85 -5.14 15.03
N GLN A 179 20.36 -6.30 15.41
CA GLN A 179 21.38 -7.00 14.63
C GLN A 179 20.79 -7.52 13.32
N PRO A 180 21.35 -7.08 12.18
CA PRO A 180 20.83 -7.47 10.86
C PRO A 180 21.18 -8.92 10.52
N PHE A 181 20.37 -9.56 9.71
CA PHE A 181 20.65 -10.92 9.23
C PHE A 181 20.12 -11.14 7.82
N CYS A 182 19.52 -10.09 7.26
CA CYS A 182 18.97 -10.15 5.90
C CYS A 182 18.52 -8.78 5.41
N GLY A 183 18.29 -8.67 4.11
CA GLY A 183 17.74 -7.47 3.51
C GLY A 183 16.33 -7.70 2.99
N GLY A 184 15.67 -6.63 2.57
CA GLY A 184 14.33 -6.72 2.02
C GLY A 184 13.89 -5.43 1.34
N SER A 185 12.72 -5.43 0.72
CA SER A 185 12.21 -4.24 0.07
C SER A 185 10.75 -3.97 0.44
N LEU A 186 10.41 -2.70 0.63
CA LEU A 186 9.05 -2.29 0.94
C LEU A 186 8.17 -2.32 -0.30
N LEU A 187 7.09 -3.09 -0.25
CA LEU A 187 6.08 -3.07 -1.30
C LEU A 187 4.79 -2.50 -0.75
N GLY A 188 4.16 -1.62 -1.53
CA GLY A 188 2.90 -1.03 -1.13
C GLY A 188 3.00 -0.30 0.20
N SER A 189 2.05 -0.58 1.09
CA SER A 189 1.98 0.13 2.36
CA SER A 189 1.97 0.11 2.36
C SER A 189 2.41 -0.75 3.54
N SER A 190 2.28 -2.06 3.39
CA SER A 190 2.49 -2.96 4.53
C SER A 190 3.32 -4.21 4.26
N TRP A 191 3.96 -4.30 3.10
CA TRP A 191 4.65 -5.54 2.74
C TRP A 191 6.15 -5.40 2.57
N ILE A 192 6.88 -6.43 2.98
CA ILE A 192 8.32 -6.51 2.77
C ILE A 192 8.63 -7.76 1.98
N VAL A 193 9.16 -7.57 0.77
CA VAL A 193 9.56 -8.72 -0.04
C VAL A 193 11.03 -9.07 0.25
N THR A 194 11.28 -10.35 0.47
CA THR A 194 12.62 -10.79 0.83
C THR A 194 12.86 -12.21 0.32
N ALA A 195 13.91 -12.85 0.82
CA ALA A 195 14.25 -14.20 0.43
C ALA A 195 13.64 -15.19 1.41
N ALA A 196 13.09 -16.28 0.88
CA ALA A 196 12.51 -17.31 1.71
C ALA A 196 13.49 -17.87 2.73
N HIS A 197 14.74 -18.05 2.32
CA HIS A 197 15.75 -18.63 3.21
C HIS A 197 16.18 -17.67 4.32
N CYS A 198 15.67 -16.44 4.28
CA CYS A 198 15.90 -15.49 5.37
C CYS A 198 14.96 -15.77 6.53
N LEU A 199 13.85 -16.45 6.24
CA LEU A 199 12.77 -16.59 7.20
C LEU A 199 12.70 -17.95 7.88
N HIS A 200 13.79 -18.71 7.80
CA HIS A 200 13.86 -19.99 8.52
C HIS A 200 15.31 -20.33 8.84
N GLN A 201 15.50 -21.11 9.90
CA GLN A 201 16.84 -21.50 10.34
C GLN A 201 17.42 -22.53 9.37
N SER A 202 18.76 -22.62 9.36
CA SER A 202 19.44 -23.57 8.50
CA SER A 202 19.44 -23.57 8.50
C SER A 202 18.91 -24.99 8.74
N LEU A 203 18.66 -25.71 7.65
CA LEU A 203 18.15 -27.06 7.75
C LEU A 203 19.25 -28.08 8.03
N ASP A 204 18.86 -29.24 8.51
CA ASP A 204 19.80 -30.31 8.80
C ASP A 204 20.23 -31.00 7.50
N PRO A 205 21.54 -31.01 7.23
CA PRO A 205 22.09 -31.62 6.01
C PRO A 205 21.66 -33.08 5.86
N GLU A 206 21.54 -33.78 6.97
CA GLU A 206 21.15 -35.19 6.94
C GLU A 206 19.64 -35.36 6.75
N ASP A 207 18.90 -34.28 6.99
CA ASP A 207 17.45 -34.28 6.83
C ASP A 207 17.00 -32.92 6.30
N PRO A 208 17.36 -32.62 5.05
CA PRO A 208 17.11 -31.31 4.42
C PRO A 208 15.65 -31.11 4.04
N THR A 209 14.77 -31.05 5.04
CA THR A 209 13.35 -30.80 4.80
C THR A 209 12.85 -29.69 5.70
N LEU A 210 12.19 -28.71 5.09
CA LEU A 210 11.70 -27.55 5.81
C LEU A 210 10.41 -27.85 6.58
N ARG A 211 10.41 -27.51 7.87
CA ARG A 211 9.26 -27.75 8.73
C ARG A 211 8.88 -26.48 9.48
N ASP A 212 7.65 -26.44 9.99
CA ASP A 212 7.12 -25.25 10.65
C ASP A 212 7.98 -24.77 11.82
N SER A 213 8.52 -25.70 12.59
CA SER A 213 9.37 -25.33 13.73
C SER A 213 10.62 -24.62 13.25
N ASP A 214 11.03 -24.90 12.02
CA ASP A 214 12.20 -24.28 11.44
C ASP A 214 11.93 -22.80 11.13
N LEU A 215 10.75 -22.52 10.58
CA LEU A 215 10.34 -21.15 10.32
C LEU A 215 10.49 -20.30 11.56
N LEU A 216 10.92 -19.06 11.39
CA LEU A 216 10.97 -18.14 12.52
C LEU A 216 9.65 -17.37 12.61
N SER A 217 9.28 -16.99 13.83
CA SER A 217 7.99 -16.37 14.06
C SER A 217 8.07 -14.85 14.12
N PRO A 218 6.94 -14.17 13.94
CA PRO A 218 6.85 -12.71 14.03
C PRO A 218 7.43 -12.17 15.33
N SER A 219 7.61 -13.04 16.31
CA SER A 219 8.13 -12.64 17.61
CA SER A 219 8.13 -12.64 17.61
C SER A 219 9.66 -12.65 17.61
N ASP A 220 10.25 -13.30 16.62
CA ASP A 220 11.70 -13.47 16.56
C ASP A 220 12.46 -12.33 15.89
N PHE A 221 11.78 -11.52 15.09
CA PHE A 221 12.46 -10.45 14.35
C PHE A 221 11.58 -9.25 14.05
N LYS A 222 12.21 -8.17 13.59
CA LYS A 222 11.51 -6.95 13.24
C LYS A 222 12.05 -6.41 11.92
N ILE A 223 11.39 -5.38 11.40
CA ILE A 223 11.81 -4.73 10.15
C ILE A 223 12.20 -3.28 10.43
N ILE A 224 13.32 -2.85 9.85
CA ILE A 224 13.78 -1.48 10.03
C ILE A 224 13.88 -0.74 8.69
N LEU A 225 13.09 0.31 8.55
CA LEU A 225 13.07 1.09 7.31
C LEU A 225 13.69 2.46 7.51
N GLY A 226 14.11 3.08 6.40
CA GLY A 226 14.73 4.40 6.44
C GLY A 226 16.07 4.40 7.16
N LYS A 227 16.77 3.27 7.09
CA LYS A 227 18.05 3.13 7.78
C LYS A 227 19.23 3.29 6.82
N HIS A 228 20.21 4.08 7.24
CA HIS A 228 21.37 4.36 6.40
C HIS A 228 22.65 3.76 7.00
N TRP A 229 22.89 4.06 8.27
CA TRP A 229 24.04 3.49 8.97
C TRP A 229 23.78 2.04 9.31
N ARG A 230 24.83 1.22 9.27
CA ARG A 230 24.68 -0.21 9.55
C ARG A 230 24.49 -0.49 11.03
N LEU A 231 25.14 0.30 11.88
CA LEU A 231 25.06 0.08 13.33
C LEU A 231 24.51 1.28 14.07
N ARG A 232 24.75 2.48 13.54
CA ARG A 232 24.27 3.70 14.17
C ARG A 232 22.79 3.92 13.89
N SER A 233 22.16 4.76 14.71
CA SER A 233 20.73 5.04 14.56
C SER A 233 20.49 6.37 13.85
N ASP A 234 19.36 6.45 13.15
CA ASP A 234 18.92 7.68 12.50
C ASP A 234 17.68 8.19 13.21
N GLU A 235 17.18 9.34 12.75
CA GLU A 235 15.86 9.78 13.17
C GLU A 235 14.84 9.30 12.14
N ASN A 236 15.36 8.76 11.04
CA ASN A 236 14.53 8.27 9.94
C ASN A 236 14.19 6.80 10.08
N GLU A 237 14.89 6.11 10.97
CA GLU A 237 14.68 4.68 11.17
C GLU A 237 13.31 4.39 11.76
N GLN A 238 12.54 3.55 11.08
CA GLN A 238 11.24 3.12 11.60
C GLN A 238 11.29 1.64 11.93
N HIS A 239 11.17 1.31 13.21
CA HIS A 239 11.21 -0.06 13.67
C HIS A 239 9.80 -0.66 13.76
N LEU A 240 9.50 -1.57 12.83
CA LEU A 240 8.18 -2.14 12.74
C LEU A 240 8.16 -3.62 13.14
N GLY A 241 7.05 -4.04 13.73
CA GLY A 241 6.88 -5.43 14.14
C GLY A 241 6.30 -6.25 13.01
N VAL A 242 6.49 -7.56 13.09
CA VAL A 242 6.02 -8.46 12.03
C VAL A 242 4.69 -9.11 12.39
N LYS A 243 3.80 -9.17 11.42
CA LYS A 243 2.48 -9.76 11.62
C LYS A 243 2.46 -11.23 11.18
N HIS A 244 2.88 -11.47 9.95
CA HIS A 244 2.83 -12.80 9.36
C HIS A 244 3.81 -12.91 8.20
N THR A 245 4.23 -14.12 7.87
CA THR A 245 5.15 -14.33 6.76
C THR A 245 4.64 -15.41 5.82
N THR A 246 4.93 -15.26 4.53
CA THR A 246 4.48 -16.21 3.53
C THR A 246 5.59 -16.52 2.53
N LEU A 247 6.16 -17.72 2.63
CA LEU A 247 7.17 -18.15 1.69
C LEU A 247 6.51 -18.65 0.42
N HIS A 248 7.21 -18.57 -0.70
CA HIS A 248 6.67 -19.03 -1.96
C HIS A 248 6.24 -20.50 -1.84
N PRO A 249 5.05 -20.83 -2.35
CA PRO A 249 4.47 -22.17 -2.26
C PRO A 249 5.41 -23.25 -2.80
N GLN A 250 6.22 -22.89 -3.78
CA GLN A 250 7.13 -23.84 -4.40
C GLN A 250 8.59 -23.53 -4.07
N TYR A 251 8.82 -23.04 -2.86
CA TYR A 251 10.17 -22.75 -2.41
C TYR A 251 10.93 -24.03 -2.03
N ASP A 252 12.08 -24.24 -2.67
CA ASP A 252 12.93 -25.37 -2.34
C ASP A 252 14.20 -24.87 -1.68
N PRO A 253 14.37 -25.17 -0.38
CA PRO A 253 15.47 -24.64 0.41
C PRO A 253 16.82 -25.26 0.05
N ASN A 254 16.78 -26.35 -0.73
CA ASN A 254 18.01 -27.04 -1.11
C ASN A 254 18.52 -26.58 -2.47
N THR A 255 17.60 -26.24 -3.36
CA THR A 255 17.96 -25.75 -4.69
C THR A 255 17.70 -24.26 -4.80
N PHE A 256 17.10 -23.70 -3.76
CA PHE A 256 16.78 -22.28 -3.71
C PHE A 256 15.80 -21.86 -4.79
N GLU A 257 15.03 -22.80 -5.30
CA GLU A 257 14.00 -22.48 -6.28
C GLU A 257 12.90 -21.66 -5.63
N ASN A 258 12.40 -20.67 -6.37
CA ASN A 258 11.40 -19.75 -5.83
C ASN A 258 11.79 -19.27 -4.45
N ASP A 259 13.01 -18.75 -4.33
CA ASP A 259 13.52 -18.26 -3.06
C ASP A 259 13.05 -16.85 -2.79
N VAL A 260 11.72 -16.69 -2.71
CA VAL A 260 11.13 -15.39 -2.45
C VAL A 260 10.07 -15.54 -1.35
N ALA A 261 9.90 -14.50 -0.55
CA ALA A 261 8.94 -14.53 0.55
C ALA A 261 8.32 -13.17 0.77
N LEU A 262 7.22 -13.14 1.51
CA LEU A 262 6.51 -11.90 1.77
C LEU A 262 6.21 -11.73 3.25
N VAL A 263 6.60 -10.59 3.79
CA VAL A 263 6.40 -10.29 5.20
C VAL A 263 5.34 -9.21 5.37
N GLU A 264 4.23 -9.56 6.00
CA GLU A 264 3.18 -8.59 6.28
C GLU A 264 3.50 -7.88 7.58
N LEU A 265 3.62 -6.55 7.50
CA LEU A 265 3.97 -5.76 8.67
C LEU A 265 2.80 -5.66 9.64
N LEU A 266 3.11 -5.66 10.93
CA LEU A 266 2.09 -5.53 11.95
C LEU A 266 1.51 -4.12 11.91
N GLU A 267 2.39 -3.13 11.86
CA GLU A 267 1.98 -1.74 11.67
C GLU A 267 2.68 -1.15 10.45
N SER A 268 1.97 -0.33 9.69
CA SER A 268 2.51 0.25 8.47
C SER A 268 3.43 1.44 8.77
N PRO A 269 4.50 1.59 7.97
CA PRO A 269 5.43 2.71 8.12
C PRO A 269 4.81 4.01 7.64
N VAL A 270 5.32 5.12 8.15
CA VAL A 270 4.91 6.43 7.66
C VAL A 270 5.72 6.77 6.41
N LEU A 271 5.06 6.88 5.27
CA LEU A 271 5.74 7.16 4.02
C LEU A 271 6.24 8.60 3.95
N ASN A 272 7.52 8.75 3.71
CA ASN A 272 8.14 10.07 3.58
C ASN A 272 9.35 10.04 2.66
N ALA A 273 10.14 11.11 2.68
CA ALA A 273 11.28 11.23 1.79
C ALA A 273 12.30 10.10 1.98
N PHE A 274 12.21 9.38 3.10
CA PHE A 274 13.16 8.33 3.41
C PHE A 274 12.56 6.92 3.42
N VAL A 275 11.25 6.83 3.32
CA VAL A 275 10.59 5.53 3.31
C VAL A 275 9.48 5.46 2.27
N MET A 276 9.74 4.73 1.19
CA MET A 276 8.76 4.59 0.11
C MET A 276 8.91 3.21 -0.54
N PRO A 277 7.80 2.67 -1.08
CA PRO A 277 7.83 1.33 -1.68
C PRO A 277 8.51 1.31 -3.05
N ILE A 278 9.05 0.16 -3.42
CA ILE A 278 9.66 -0.03 -4.73
C ILE A 278 8.63 -0.63 -5.70
N CYS A 279 8.66 -0.20 -6.96
CA CYS A 279 7.70 -0.66 -7.95
C CYS A 279 7.95 -2.11 -8.34
N LEU A 280 6.88 -2.82 -8.68
CA LEU A 280 7.00 -4.18 -9.20
C LEU A 280 7.46 -4.14 -10.64
N PRO A 281 8.04 -5.26 -11.13
CA PRO A 281 8.41 -5.35 -12.54
C PRO A 281 7.18 -5.35 -13.43
N GLU A 282 7.30 -4.83 -14.64
CA GLU A 282 6.21 -4.85 -15.60
C GLU A 282 6.64 -5.54 -16.88
N GLY A 283 7.73 -6.29 -16.79
CA GLY A 283 8.28 -6.99 -17.93
C GLY A 283 9.60 -7.62 -17.60
N PRO A 284 9.99 -8.65 -18.37
CA PRO A 284 11.26 -9.36 -18.15
C PRO A 284 12.46 -8.45 -18.36
N GLN A 285 13.62 -8.87 -17.86
CA GLN A 285 14.84 -8.10 -18.02
C GLN A 285 15.67 -8.67 -19.16
N GLN A 286 16.60 -7.86 -19.67
CA GLN A 286 17.44 -8.28 -20.79
CA GLN A 286 17.44 -8.28 -20.78
C GLN A 286 18.88 -8.49 -20.35
N GLU A 287 19.65 -9.14 -21.20
CA GLU A 287 21.08 -9.34 -20.96
C GLU A 287 21.76 -7.98 -21.07
N GLY A 288 22.73 -7.73 -20.19
CA GLY A 288 23.48 -6.49 -20.23
C GLY A 288 22.80 -5.32 -19.56
N ALA A 289 21.51 -5.46 -19.27
CA ALA A 289 20.77 -4.42 -18.58
C ALA A 289 21.44 -4.09 -17.25
N MET A 290 21.58 -2.80 -16.95
CA MET A 290 22.27 -2.37 -15.75
C MET A 290 21.34 -2.27 -14.54
N VAL A 291 21.73 -2.90 -13.45
CA VAL A 291 20.94 -2.90 -12.23
C VAL A 291 21.79 -2.46 -11.05
N ILE A 292 21.13 -2.07 -9.96
CA ILE A 292 21.82 -1.67 -8.74
C ILE A 292 21.47 -2.60 -7.58
N VAL A 293 22.49 -3.10 -6.90
CA VAL A 293 22.30 -4.00 -5.77
C VAL A 293 22.86 -3.37 -4.51
N SER A 294 22.07 -3.39 -3.44
CA SER A 294 22.43 -2.70 -2.20
C SER A 294 22.38 -3.61 -0.97
N GLY A 295 23.14 -3.26 0.05
CA GLY A 295 23.15 -4.01 1.29
C GLY A 295 24.08 -3.45 2.34
N TRP A 296 24.08 -4.06 3.52
CA TRP A 296 24.93 -3.63 4.62
C TRP A 296 26.02 -4.66 4.95
N GLY A 297 25.94 -5.82 4.32
CA GLY A 297 26.87 -6.89 4.60
C GLY A 297 28.29 -6.60 4.13
N LYS A 298 29.23 -7.46 4.51
CA LYS A 298 30.61 -7.32 4.04
C LYS A 298 30.64 -7.36 2.52
N GLN A 299 29.82 -8.23 1.94
CA GLN A 299 29.67 -8.33 0.49
C GLN A 299 31.00 -8.43 -0.22
N PHE A 300 31.23 -7.52 -1.17
CA PHE A 300 32.44 -7.51 -1.98
C PHE A 300 33.55 -6.69 -1.32
N LEU A 301 33.35 -6.33 -0.05
CA LEU A 301 34.30 -5.50 0.67
C LEU A 301 35.23 -6.34 1.53
N GLN A 302 36.33 -5.73 1.97
CA GLN A 302 37.26 -6.39 2.88
C GLN A 302 36.61 -6.54 4.25
N ARG A 303 36.07 -5.43 4.75
CA ARG A 303 35.38 -5.43 6.04
C ARG A 303 33.96 -4.90 5.89
N PHE A 304 33.15 -5.08 6.93
CA PHE A 304 31.79 -4.57 6.94
C PHE A 304 31.78 -3.04 6.86
N PRO A 305 30.90 -2.48 6.01
CA PRO A 305 30.80 -1.03 5.81
C PRO A 305 30.10 -0.33 6.96
N GLU A 306 30.22 0.99 7.01
CA GLU A 306 29.52 1.77 8.05
C GLU A 306 28.12 2.16 7.59
N THR A 307 27.98 2.43 6.29
CA THR A 307 26.69 2.79 5.73
C THR A 307 26.25 1.78 4.70
N LEU A 308 25.04 1.96 4.18
CA LEU A 308 24.52 1.12 3.11
C LEU A 308 25.48 1.18 1.91
N MET A 309 25.64 0.04 1.25
CA MET A 309 26.48 -0.03 0.06
C MET A 309 25.66 -0.36 -1.18
N GLU A 310 26.17 0.03 -2.34
CA GLU A 310 25.51 -0.29 -3.60
C GLU A 310 26.55 -0.59 -4.68
N ILE A 311 26.10 -1.19 -5.78
CA ILE A 311 26.97 -1.49 -6.89
C ILE A 311 26.15 -1.69 -8.15
N GLU A 312 26.52 -0.98 -9.21
CA GLU A 312 25.79 -1.11 -10.47
C GLU A 312 26.43 -2.18 -11.34
N ILE A 313 25.69 -3.26 -11.56
CA ILE A 313 26.19 -4.38 -12.33
C ILE A 313 25.19 -4.77 -13.41
N PRO A 314 25.69 -5.37 -14.51
CA PRO A 314 24.82 -5.76 -15.61
C PRO A 314 24.20 -7.15 -15.42
N ILE A 315 23.06 -7.37 -16.06
CA ILE A 315 22.43 -8.68 -16.04
C ILE A 315 23.17 -9.65 -16.96
N VAL A 316 23.32 -10.88 -16.51
CA VAL A 316 23.93 -11.92 -17.33
C VAL A 316 22.84 -12.82 -17.88
N ASP A 317 22.93 -13.16 -19.16
CA ASP A 317 21.93 -14.04 -19.77
CA ASP A 317 21.95 -14.05 -19.80
C ASP A 317 21.88 -15.38 -19.06
N HIS A 318 20.68 -15.92 -18.94
CA HIS A 318 20.44 -17.17 -18.21
C HIS A 318 21.43 -18.27 -18.58
N SER A 319 21.57 -18.52 -19.87
CA SER A 319 22.40 -19.62 -20.36
C SER A 319 23.84 -19.57 -19.84
N THR A 320 24.52 -18.45 -20.07
CA THR A 320 25.90 -18.30 -19.63
C THR A 320 26.06 -18.60 -18.14
N CYS A 321 25.06 -18.19 -17.35
CA CYS A 321 25.08 -18.42 -15.91
C CYS A 321 25.03 -19.92 -15.61
N GLN A 322 24.03 -20.60 -16.16
CA GLN A 322 23.89 -22.04 -15.99
C GLN A 322 25.17 -22.78 -16.33
N LYS A 323 25.78 -22.40 -17.45
CA LYS A 323 27.01 -23.04 -17.91
C LYS A 323 28.16 -22.86 -16.93
N ALA A 324 28.17 -21.73 -16.22
CA ALA A 324 29.24 -21.45 -15.27
C ALA A 324 29.04 -22.18 -13.95
N TYR A 325 27.80 -22.57 -13.67
CA TYR A 325 27.46 -23.26 -12.44
C TYR A 325 27.23 -24.77 -12.64
N ALA A 326 27.12 -25.17 -13.90
CA ALA A 326 26.92 -26.58 -14.24
C ALA A 326 28.02 -27.50 -13.69
N PRO A 327 29.30 -27.09 -13.83
CA PRO A 327 30.40 -27.91 -13.32
C PRO A 327 30.37 -28.03 -11.79
N LEU A 328 29.41 -27.38 -11.15
CA LEU A 328 29.30 -27.43 -9.69
C LEU A 328 27.98 -28.10 -9.28
N LYS A 329 27.29 -28.68 -10.25
CA LYS A 329 26.04 -29.38 -9.99
C LYS A 329 25.01 -28.45 -9.34
N LYS A 330 24.93 -27.23 -9.84
CA LYS A 330 23.98 -26.24 -9.34
C LYS A 330 23.10 -25.73 -10.47
N LYS A 331 21.83 -26.14 -10.46
CA LYS A 331 20.91 -25.79 -11.55
C LYS A 331 20.26 -24.42 -11.35
N VAL A 332 20.58 -23.50 -12.25
CA VAL A 332 19.96 -22.18 -12.25
C VAL A 332 18.61 -22.24 -12.94
N THR A 333 17.54 -22.23 -12.15
CA THR A 333 16.19 -22.40 -12.66
C THR A 333 15.68 -21.14 -13.38
N ARG A 334 14.54 -21.26 -14.03
CA ARG A 334 13.96 -20.16 -14.79
C ARG A 334 13.38 -19.09 -13.87
N ASP A 335 13.32 -19.38 -12.58
CA ASP A 335 12.85 -18.42 -11.58
C ASP A 335 14.03 -17.64 -11.01
N MET A 336 15.21 -17.87 -11.58
CA MET A 336 16.42 -17.21 -11.10
C MET A 336 17.03 -16.30 -12.15
N ILE A 337 17.64 -15.21 -11.70
CA ILE A 337 18.31 -14.28 -12.60
C ILE A 337 19.71 -13.98 -12.08
N CYS A 338 20.67 -13.92 -12.99
CA CYS A 338 22.05 -13.69 -12.61
C CYS A 338 22.52 -12.29 -13.03
N ALA A 339 23.54 -11.79 -12.35
CA ALA A 339 24.11 -10.49 -12.65
C ALA A 339 25.59 -10.46 -12.25
N GLY A 340 26.25 -9.36 -12.56
CA GLY A 340 27.67 -9.23 -12.28
C GLY A 340 28.43 -8.86 -13.54
N GLU A 341 29.74 -8.78 -13.44
CA GLU A 341 30.57 -8.39 -14.57
C GLU A 341 31.30 -9.58 -15.20
N LYS A 342 32.18 -10.20 -14.42
CA LYS A 342 32.92 -11.37 -14.86
C LYS A 342 32.87 -12.46 -13.81
N GLU A 343 32.78 -13.71 -14.23
CA GLU A 343 32.67 -14.82 -13.30
C GLU A 343 33.82 -14.82 -12.29
N GLY A 344 33.47 -14.87 -11.01
CA GLY A 344 34.46 -14.79 -9.95
C GLY A 344 35.00 -13.38 -9.80
N GLY A 345 34.17 -12.40 -10.19
CA GLY A 345 34.58 -11.00 -10.18
C GLY A 345 34.23 -10.24 -8.92
N LYS A 346 33.99 -10.98 -7.83
CA LYS A 346 33.75 -10.37 -6.53
C LYS A 346 32.40 -9.65 -6.42
N ASP A 347 31.78 -9.37 -7.57
CA ASP A 347 30.48 -8.71 -7.58
C ASP A 347 29.36 -9.74 -7.63
N ALA A 348 29.72 -11.00 -7.42
CA ALA A 348 28.73 -12.07 -7.28
C ALA A 348 28.36 -12.20 -5.80
N CYS A 349 29.02 -11.39 -4.98
CA CYS A 349 28.80 -11.38 -3.54
C CYS A 349 28.05 -10.10 -3.12
N ALA A 350 27.47 -9.42 -4.09
CA ALA A 350 26.80 -8.15 -3.86
C ALA A 350 25.44 -8.32 -3.17
N GLY A 351 25.20 -7.53 -2.13
CA GLY A 351 23.93 -7.50 -1.45
C GLY A 351 23.81 -8.49 -0.30
N ASP A 352 22.74 -8.35 0.48
CA ASP A 352 22.44 -9.29 1.55
C ASP A 352 21.27 -10.16 1.12
N SER A 353 21.20 -11.38 1.65
CA SER A 353 20.08 -12.26 1.35
C SER A 353 18.76 -11.52 1.47
N GLY A 354 17.96 -11.56 0.41
CA GLY A 354 16.68 -10.89 0.38
C GLY A 354 16.77 -9.47 -0.11
N GLY A 355 17.97 -8.89 -0.06
CA GLY A 355 18.20 -7.53 -0.48
C GLY A 355 17.71 -7.24 -1.88
N PRO A 356 17.48 -5.96 -2.20
CA PRO A 356 16.90 -5.52 -3.47
C PRO A 356 17.90 -5.43 -4.63
N MET A 357 17.43 -5.80 -5.82
CA MET A 357 18.11 -5.50 -7.07
C MET A 357 17.17 -4.68 -7.93
N VAL A 358 17.47 -3.40 -8.08
CA VAL A 358 16.55 -2.49 -8.76
C VAL A 358 17.16 -1.88 -10.02
N THR A 359 16.30 -1.31 -10.86
CA THR A 359 16.74 -0.62 -12.06
C THR A 359 15.78 0.50 -12.40
N LEU A 360 16.25 1.43 -13.24
CA LEU A 360 15.46 2.60 -13.60
C LEU A 360 14.62 2.36 -14.86
N ASN A 361 13.36 2.79 -14.81
CA ASN A 361 12.48 2.73 -15.96
C ASN A 361 12.30 4.12 -16.57
N ARG A 362 13.04 4.40 -17.63
CA ARG A 362 12.91 5.66 -18.34
C ARG A 362 12.03 5.49 -19.57
N GLU A 363 11.34 6.55 -19.97
CA GLU A 363 11.44 7.85 -19.29
C GLU A 363 10.37 8.01 -18.21
N ARG A 364 10.01 6.90 -17.57
CA ARG A 364 9.04 6.92 -16.49
C ARG A 364 9.63 7.55 -15.22
N GLY A 365 10.96 7.64 -15.18
CA GLY A 365 11.65 8.17 -14.02
C GLY A 365 11.31 7.40 -12.76
N GLN A 366 11.00 6.12 -12.92
CA GLN A 366 10.62 5.27 -11.80
C GLN A 366 11.59 4.09 -11.62
N TRP A 367 11.90 3.79 -10.36
CA TRP A 367 12.71 2.62 -10.05
C TRP A 367 11.82 1.42 -9.74
N TYR A 368 12.26 0.23 -10.13
CA TYR A 368 11.49 -0.97 -9.84
C TYR A 368 12.38 -2.16 -9.50
N LEU A 369 11.80 -3.14 -8.82
CA LEU A 369 12.53 -4.30 -8.32
C LEU A 369 12.71 -5.38 -9.39
N VAL A 370 13.95 -5.78 -9.62
CA VAL A 370 14.25 -6.81 -10.60
C VAL A 370 14.42 -8.17 -9.95
N GLY A 371 15.07 -8.18 -8.78
CA GLY A 371 15.30 -9.43 -8.06
C GLY A 371 15.73 -9.26 -6.60
N THR A 372 15.74 -10.37 -5.88
CA THR A 372 16.17 -10.39 -4.49
C THR A 372 17.37 -11.31 -4.34
N VAL A 373 18.37 -10.88 -3.56
CA VAL A 373 19.57 -11.68 -3.38
C VAL A 373 19.21 -13.08 -2.89
N SER A 374 19.81 -14.09 -3.52
CA SER A 374 19.48 -15.48 -3.21
C SER A 374 20.72 -16.35 -3.04
N TRP A 375 20.52 -17.67 -3.00
CA TRP A 375 21.61 -18.64 -2.89
C TRP A 375 22.44 -18.51 -1.62
N GLY A 376 21.86 -17.93 -0.58
CA GLY A 376 22.51 -17.84 0.72
C GLY A 376 23.42 -16.62 0.87
N ASP A 377 23.95 -16.44 2.07
CA ASP A 377 24.79 -15.29 2.37
C ASP A 377 26.28 -15.62 2.34
N ASP A 378 26.61 -16.84 1.92
CA ASP A 378 27.99 -17.24 1.74
C ASP A 378 28.35 -17.18 0.26
N CYS A 379 29.27 -16.28 -0.08
CA CYS A 379 29.62 -16.06 -1.48
C CYS A 379 30.51 -17.16 -2.05
N GLY A 380 31.25 -17.82 -1.18
CA GLY A 380 32.10 -18.93 -1.60
C GLY A 380 31.31 -20.01 -2.32
N LYS A 381 30.06 -20.19 -1.89
CA LYS A 381 29.20 -21.20 -2.48
C LYS A 381 28.52 -20.69 -3.75
N LYS A 382 28.77 -19.43 -4.08
CA LYS A 382 28.21 -18.80 -5.27
C LYS A 382 29.13 -17.73 -5.83
N ASP A 383 30.33 -18.13 -6.24
CA ASP A 383 31.35 -17.18 -6.69
C ASP A 383 31.35 -16.96 -8.19
N ARG A 384 30.70 -17.85 -8.94
CA ARG A 384 30.59 -17.69 -10.39
C ARG A 384 29.88 -16.37 -10.71
N TYR A 385 28.58 -16.34 -10.47
CA TYR A 385 27.80 -15.12 -10.65
C TYR A 385 26.82 -14.94 -9.50
N GLY A 386 26.35 -13.72 -9.29
CA GLY A 386 25.35 -13.46 -8.29
C GLY A 386 23.99 -13.96 -8.77
N VAL A 387 23.36 -14.80 -7.95
CA VAL A 387 22.06 -15.35 -8.31
C VAL A 387 20.94 -14.74 -7.47
N TYR A 388 19.88 -14.28 -8.13
CA TYR A 388 18.79 -13.60 -7.46
C TYR A 388 17.46 -14.27 -7.82
N SER A 389 16.47 -14.12 -6.94
CA SER A 389 15.13 -14.58 -7.25
C SER A 389 14.50 -13.64 -8.27
N TYR A 390 14.32 -14.14 -9.49
CA TYR A 390 13.73 -13.36 -10.57
C TYR A 390 12.31 -12.95 -10.20
N ILE A 391 12.15 -11.70 -9.78
CA ILE A 391 10.85 -11.22 -9.32
C ILE A 391 9.79 -11.30 -10.41
N HIS A 392 10.17 -10.92 -11.62
CA HIS A 392 9.24 -10.96 -12.76
C HIS A 392 8.51 -12.29 -12.85
N HIS A 393 9.24 -13.38 -12.60
CA HIS A 393 8.69 -14.73 -12.71
C HIS A 393 7.50 -14.95 -11.79
N ASN A 394 7.56 -14.37 -10.60
CA ASN A 394 6.52 -14.58 -9.59
C ASN A 394 5.71 -13.33 -9.27
N LYS A 395 5.73 -12.36 -10.17
CA LYS A 395 4.98 -11.12 -9.98
C LYS A 395 3.52 -11.40 -9.65
N ASP A 396 2.94 -12.39 -10.33
CA ASP A 396 1.55 -12.75 -10.14
C ASP A 396 1.25 -13.16 -8.70
N TRP A 397 2.02 -14.12 -8.20
CA TRP A 397 1.87 -14.59 -6.83
C TRP A 397 2.01 -13.44 -5.82
N ILE A 398 3.05 -12.62 -6.01
CA ILE A 398 3.29 -11.49 -5.12
C ILE A 398 2.11 -10.52 -5.15
N GLN A 399 1.67 -10.17 -6.34
CA GLN A 399 0.56 -9.24 -6.51
C GLN A 399 -0.73 -9.86 -6.00
N ARG A 400 -0.84 -11.19 -6.15
CA ARG A 400 -1.99 -11.93 -5.67
C ARG A 400 -2.08 -11.86 -4.16
N VAL A 401 -0.96 -12.13 -3.50
CA VAL A 401 -0.90 -12.20 -2.04
C VAL A 401 -1.01 -10.82 -1.37
N THR A 402 -0.19 -9.88 -1.82
CA THR A 402 -0.11 -8.57 -1.20
C THR A 402 -1.21 -7.63 -1.68
N GLY A 403 -1.73 -7.88 -2.87
CA GLY A 403 -2.72 -7.01 -3.47
C GLY A 403 -2.14 -5.63 -3.74
N VAL A 404 -0.91 -5.62 -4.24
CA VAL A 404 -0.18 -4.38 -4.50
C VAL A 404 -0.27 -4.00 -5.97
N ARG A 405 -0.39 -2.69 -6.23
CA ARG A 405 -0.41 -2.18 -7.59
C ARG A 405 0.57 -1.03 -7.74
N ASN A 406 1.21 -0.92 -8.91
CA ASN A 406 2.12 0.18 -9.19
C ASN A 406 1.39 1.49 -9.40
#